data_7P0L
#
_entry.id   7P0L
#
_cell.length_a   41.380
_cell.length_b   42.050
_cell.length_c   96.290
_cell.angle_alpha   90.000
_cell.angle_beta   91.870
_cell.angle_gamma   90.000
#
_symmetry.space_group_name_H-M   'P 1 21 1'
#
loop_
_entity.id
_entity.type
_entity.pdbx_description
1 polymer 'DNA damage response protein Mdb1'
2 polymer 'Histone H2A-beta'
3 water water
#
loop_
_entity_poly.entity_id
_entity_poly.type
_entity_poly.pdbx_seq_one_letter_code
_entity_poly.pdbx_strand_id
1 'polypeptide(L)'
;MNKHTNLVTSSFNLTKPMKSFIRRNGLRVQESVTDETDFVILGSPPLRRTHKFLLATSLGIPLVSSQYLTDCIKSGKVLD
FRSYKYKDEEAEAKWGFRLDDIHRRTCFNGKRLYITKAIRDSMVGDSIHGLYSILETSGAEIVGDIKRAQEKDTIILAQP
DNDQEGRNMSATGLNVYKIELVALSILRDRIDFDEFLID
;
A,B
2 'polypeptide(L)' SGRTGKP(SEP)QEL C,D
#
# COMPACT_ATOMS: atom_id res chain seq x y z
N THR A 5 19.14 -0.84 -11.56
CA THR A 5 17.75 -1.18 -11.29
C THR A 5 17.27 -2.19 -12.33
N ASN A 6 16.71 -3.30 -11.85
CA ASN A 6 16.36 -4.45 -12.68
C ASN A 6 14.85 -4.52 -12.87
N LEU A 7 14.41 -4.76 -14.10
CA LEU A 7 12.98 -4.83 -14.36
C LEU A 7 12.67 -6.01 -15.28
N VAL A 8 11.40 -6.40 -15.23
CA VAL A 8 10.85 -7.46 -16.06
C VAL A 8 9.56 -6.92 -16.65
N THR A 9 9.25 -7.36 -17.86
CA THR A 9 8.02 -6.99 -18.53
C THR A 9 7.13 -8.21 -18.63
N SER A 10 5.82 -7.99 -18.53
CA SER A 10 4.84 -9.05 -18.70
C SER A 10 3.64 -8.48 -19.45
N SER A 11 3.14 -9.24 -20.42
CA SER A 11 2.07 -8.79 -21.30
C SER A 11 2.36 -7.40 -21.87
N PHE A 12 3.63 -7.10 -22.12
CA PHE A 12 4.01 -5.81 -22.69
C PHE A 12 5.24 -5.99 -23.58
N ASN A 13 5.18 -5.45 -24.78
CA ASN A 13 6.26 -5.54 -25.75
C ASN A 13 7.06 -4.23 -25.76
N LEU A 14 8.33 -4.33 -25.38
CA LEU A 14 9.23 -3.18 -25.38
C LEU A 14 9.59 -2.73 -26.79
N THR A 15 9.53 -1.42 -27.03
CA THR A 15 9.97 -0.86 -28.30
C THR A 15 11.47 -0.58 -28.29
N LYS A 16 12.04 -0.36 -29.47
CA LYS A 16 13.45 -0.01 -29.57
C LYS A 16 13.79 1.27 -28.81
N PRO A 17 13.02 2.37 -28.93
CA PRO A 17 13.34 3.55 -28.11
C PRO A 17 13.37 3.26 -26.62
N MET A 18 12.44 2.45 -26.13
CA MET A 18 12.42 2.07 -24.72
C MET A 18 13.71 1.36 -24.35
N LYS A 19 14.13 0.40 -25.18
CA LYS A 19 15.37 -0.32 -24.91
C LYS A 19 16.56 0.63 -24.92
N SER A 20 16.58 1.59 -25.85
CA SER A 20 17.62 2.61 -25.87
C SER A 20 17.68 3.40 -24.55
N PHE A 21 16.53 3.90 -24.10
CA PHE A 21 16.49 4.63 -22.83
C PHE A 21 17.01 3.76 -21.70
N ILE A 22 16.61 2.49 -21.68
CA ILE A 22 17.03 1.56 -20.63
C ILE A 22 18.54 1.38 -20.67
N ARG A 23 19.07 1.13 -21.86
CA ARG A 23 20.51 0.92 -22.00
C ARG A 23 21.28 2.12 -21.46
N ARG A 24 20.81 3.33 -21.77
CA ARG A 24 21.58 4.50 -21.40
C ARG A 24 21.41 4.94 -19.95
N ASN A 25 20.31 4.56 -19.28
CA ASN A 25 20.06 5.10 -17.95
C ASN A 25 20.30 4.12 -16.81
N GLY A 26 21.14 3.11 -17.02
CA GLY A 26 21.45 2.20 -15.92
C GLY A 26 20.25 1.40 -15.44
N LEU A 27 19.39 0.98 -16.37
CA LEU A 27 18.32 0.05 -16.11
C LEU A 27 18.66 -1.22 -16.87
N ARG A 28 18.04 -2.32 -16.48
CA ARG A 28 18.34 -3.61 -17.11
C ARG A 28 17.07 -4.44 -17.16
N VAL A 29 16.81 -5.04 -18.32
CA VAL A 29 15.68 -5.94 -18.48
C VAL A 29 16.16 -7.35 -18.17
N GLN A 30 15.37 -8.09 -17.41
CA GLN A 30 15.65 -9.46 -17.03
C GLN A 30 14.70 -10.40 -17.77
N GLU A 31 15.19 -11.62 -18.03
CA GLU A 31 14.36 -12.62 -18.67
C GLU A 31 13.32 -13.16 -17.71
N SER A 32 13.62 -13.20 -16.43
CA SER A 32 12.74 -13.80 -15.43
C SER A 32 12.77 -13.00 -14.14
N VAL A 33 11.69 -13.12 -13.38
CA VAL A 33 11.60 -12.49 -12.08
C VAL A 33 12.49 -13.24 -11.10
N THR A 34 13.27 -12.50 -10.32
CA THR A 34 14.11 -13.05 -9.27
C THR A 34 14.08 -12.11 -8.07
N ASP A 35 14.75 -12.52 -6.99
CA ASP A 35 14.79 -11.70 -5.78
C ASP A 35 15.55 -10.40 -6.00
N GLU A 36 16.26 -10.27 -7.13
CA GLU A 36 16.98 -9.04 -7.46
C GLU A 36 16.18 -8.13 -8.38
N THR A 37 15.02 -8.58 -8.87
CA THR A 37 14.13 -7.74 -9.65
C THR A 37 13.59 -6.60 -8.80
N ASP A 38 13.67 -5.38 -9.33
CA ASP A 38 13.19 -4.21 -8.60
C ASP A 38 11.73 -3.89 -8.89
N PHE A 39 11.25 -4.14 -10.09
CA PHE A 39 9.83 -3.99 -10.39
C PHE A 39 9.52 -4.69 -11.71
N VAL A 40 8.24 -4.96 -11.90
CA VAL A 40 7.73 -5.62 -13.10
C VAL A 40 6.80 -4.66 -13.81
N ILE A 41 7.05 -4.44 -15.09
CA ILE A 41 6.20 -3.58 -15.92
C ILE A 41 5.11 -4.45 -16.53
N LEU A 42 3.86 -4.09 -16.26
CA LEU A 42 2.72 -4.82 -16.79
C LEU A 42 2.05 -4.05 -17.92
N GLY A 43 1.55 -4.80 -18.90
CA GLY A 43 0.70 -4.24 -19.93
C GLY A 43 -0.58 -3.64 -19.38
N SER A 44 -1.19 -2.77 -20.17
CA SER A 44 -2.37 -2.03 -19.76
C SER A 44 -3.50 -2.93 -19.27
N PRO A 45 -4.27 -2.47 -18.29
CA PRO A 45 -5.46 -3.22 -17.84
C PRO A 45 -6.34 -3.60 -18.99
N PRO A 46 -7.17 -4.65 -18.85
CA PRO A 46 -7.33 -5.42 -17.60
C PRO A 46 -6.12 -6.28 -17.31
N LEU A 47 -5.85 -6.45 -16.02
CA LEU A 47 -4.67 -7.20 -15.60
C LEU A 47 -4.76 -8.63 -16.07
N ARG A 48 -3.66 -9.14 -16.62
CA ARG A 48 -3.54 -10.54 -17.01
C ARG A 48 -2.71 -11.27 -15.97
N ARG A 49 -3.28 -12.36 -15.46
CA ARG A 49 -2.73 -13.09 -14.31
C ARG A 49 -1.63 -14.05 -14.77
N THR A 50 -0.54 -13.46 -15.20
CA THR A 50 0.55 -14.23 -15.78
C THR A 50 1.44 -14.81 -14.67
N HIS A 51 2.29 -15.76 -15.09
CA HIS A 51 3.33 -16.30 -14.21
C HIS A 51 4.20 -15.20 -13.61
N LYS A 52 4.67 -14.27 -14.45
CA LYS A 52 5.54 -13.22 -13.94
C LYS A 52 4.83 -12.35 -12.91
N PHE A 53 3.57 -12.00 -13.18
CA PHE A 53 2.79 -11.24 -12.22
C PHE A 53 2.72 -11.96 -10.88
N LEU A 54 2.42 -13.27 -10.92
CA LEU A 54 2.26 -14.03 -9.68
C LEU A 54 3.59 -14.18 -8.95
N LEU A 55 4.68 -14.39 -9.69
CA LEU A 55 6.00 -14.43 -9.06
C LEU A 55 6.32 -13.11 -8.37
N ALA A 56 6.16 -12.00 -9.09
CA ALA A 56 6.41 -10.70 -8.49
C ALA A 56 5.59 -10.52 -7.22
N THR A 57 4.32 -10.90 -7.28
CA THR A 57 3.47 -10.78 -6.10
C THR A 57 4.00 -11.65 -4.96
N SER A 58 4.39 -12.89 -5.27
CA SER A 58 4.89 -13.79 -4.25
C SER A 58 6.16 -13.26 -3.60
N LEU A 59 7.02 -12.60 -4.37
CA LEU A 59 8.32 -12.18 -3.86
C LEU A 59 8.30 -10.77 -3.28
N GLY A 60 7.16 -10.08 -3.31
CA GLY A 60 7.10 -8.71 -2.83
C GLY A 60 7.69 -7.67 -3.76
N ILE A 61 7.54 -7.86 -5.06
CA ILE A 61 8.10 -6.95 -6.07
C ILE A 61 6.98 -6.07 -6.59
N PRO A 62 7.16 -4.73 -6.60
CA PRO A 62 6.10 -3.84 -7.11
C PRO A 62 5.76 -4.07 -8.56
N LEU A 63 4.49 -3.82 -8.90
CA LEU A 63 3.99 -3.84 -10.27
C LEU A 63 3.80 -2.40 -10.77
N VAL A 64 4.23 -2.15 -12.00
CA VAL A 64 4.30 -0.79 -12.55
C VAL A 64 3.62 -0.74 -13.90
N SER A 65 2.89 0.35 -14.15
CA SER A 65 2.24 0.55 -15.43
C SER A 65 3.28 0.76 -16.54
N SER A 66 2.99 0.22 -17.72
CA SER A 66 3.80 0.49 -18.90
C SER A 66 4.03 1.98 -19.15
N GLN A 67 3.03 2.82 -18.87
CA GLN A 67 3.20 4.25 -19.12
C GLN A 67 4.50 4.77 -18.55
N TYR A 68 4.95 4.21 -17.42
CA TYR A 68 6.21 4.62 -16.81
C TYR A 68 7.29 4.83 -17.87
N LEU A 69 7.55 3.80 -18.67
CA LEU A 69 8.67 3.90 -19.59
C LEU A 69 8.48 5.05 -20.59
N THR A 70 7.28 5.17 -21.17
CA THR A 70 7.05 6.26 -22.09
C THR A 70 7.25 7.60 -21.39
N ASP A 71 6.69 7.76 -20.20
CA ASP A 71 6.86 9.03 -19.49
C ASP A 71 8.33 9.27 -19.20
N CYS A 72 9.07 8.22 -18.84
CA CYS A 72 10.51 8.41 -18.63
C CYS A 72 11.12 9.01 -19.89
N ILE A 73 10.81 8.42 -21.04
CA ILE A 73 11.39 8.90 -22.28
C ILE A 73 11.03 10.37 -22.48
N LYS A 74 9.76 10.71 -22.21
CA LYS A 74 9.32 12.08 -22.48
C LYS A 74 9.99 13.06 -21.54
N SER A 75 10.42 12.61 -20.36
CA SER A 75 11.04 13.54 -19.43
C SER A 75 12.55 13.51 -19.48
N GLY A 76 13.15 12.56 -20.18
CA GLY A 76 14.59 12.51 -20.27
C GLY A 76 15.29 11.91 -19.08
N LYS A 77 14.56 11.62 -18.00
CA LYS A 77 15.15 11.14 -16.76
C LYS A 77 14.41 9.91 -16.27
N VAL A 78 15.04 9.20 -15.32
CA VAL A 78 14.40 8.05 -14.68
C VAL A 78 13.43 8.62 -13.66
N LEU A 79 12.14 8.61 -13.97
CA LEU A 79 11.13 9.05 -13.02
C LEU A 79 11.03 8.05 -11.87
N ASP A 80 10.33 8.44 -10.82
CA ASP A 80 10.07 7.53 -9.72
C ASP A 80 9.02 6.53 -10.16
N PHE A 81 9.39 5.24 -10.15
CA PHE A 81 8.40 4.22 -10.52
C PHE A 81 7.18 4.26 -9.61
N ARG A 82 7.32 4.78 -8.38
CA ARG A 82 6.20 4.76 -7.42
C ARG A 82 5.01 5.59 -7.90
N SER A 83 5.26 6.67 -8.65
CA SER A 83 4.18 7.44 -9.26
C SER A 83 3.36 6.59 -10.23
N TYR A 84 3.87 5.42 -10.61
CA TYR A 84 3.28 4.60 -11.66
C TYR A 84 2.93 3.21 -11.18
N LYS A 85 2.76 3.02 -9.88
CA LYS A 85 2.30 1.72 -9.40
C LYS A 85 1.07 1.28 -10.17
N TYR A 86 1.04 0.00 -10.53
CA TYR A 86 -0.08 -0.53 -11.29
C TYR A 86 -1.37 -0.39 -10.50
N LYS A 87 -2.44 -0.02 -11.19
CA LYS A 87 -3.76 0.08 -10.58
C LYS A 87 -4.77 -0.62 -11.47
N ASP A 88 -5.66 -1.36 -10.84
CA ASP A 88 -6.72 -2.07 -11.55
C ASP A 88 -7.78 -2.48 -10.55
N GLU A 89 -8.67 -1.55 -10.20
CA GLU A 89 -9.67 -1.84 -9.16
C GLU A 89 -10.56 -3.00 -9.57
N GLU A 90 -10.81 -3.15 -10.87
CA GLU A 90 -11.69 -4.20 -11.35
C GLU A 90 -11.10 -5.57 -11.04
N ALA A 91 -9.81 -5.76 -11.30
CA ALA A 91 -9.16 -7.02 -10.97
C ALA A 91 -9.18 -7.26 -9.46
N GLU A 92 -8.92 -6.20 -8.68
CA GLU A 92 -8.96 -6.29 -7.23
C GLU A 92 -10.31 -6.81 -6.74
N ALA A 93 -11.41 -6.30 -7.29
CA ALA A 93 -12.73 -6.79 -6.89
C ALA A 93 -12.98 -8.20 -7.43
N LYS A 94 -12.50 -8.48 -8.63
CA LYS A 94 -12.79 -9.76 -9.28
C LYS A 94 -12.12 -10.92 -8.55
N TRP A 95 -10.86 -10.76 -8.18
CA TRP A 95 -10.09 -11.83 -7.55
C TRP A 95 -9.98 -11.67 -6.04
N GLY A 96 -10.46 -10.57 -5.48
CA GLY A 96 -10.45 -10.35 -4.04
C GLY A 96 -9.07 -10.23 -3.44
N PHE A 97 -8.32 -9.22 -3.89
CA PHE A 97 -6.98 -8.96 -3.37
C PHE A 97 -6.69 -7.47 -3.49
N ARG A 98 -5.54 -7.06 -2.96
CA ARG A 98 -5.09 -5.68 -3.04
C ARG A 98 -3.76 -5.60 -3.78
N LEU A 99 -3.66 -4.71 -4.76
CA LEU A 99 -2.37 -4.49 -5.41
C LEU A 99 -1.39 -3.78 -4.50
N ASP A 100 -1.87 -2.99 -3.55
CA ASP A 100 -0.99 -2.32 -2.59
C ASP A 100 -0.39 -3.27 -1.57
N ASP A 101 -0.83 -4.53 -1.53
CA ASP A 101 -0.27 -5.53 -0.62
C ASP A 101 1.05 -6.05 -1.17
N ILE A 102 2.09 -5.24 -1.05
CA ILE A 102 3.39 -5.59 -1.63
C ILE A 102 4.27 -6.11 -0.51
N HIS A 103 4.46 -7.43 -0.47
CA HIS A 103 5.27 -8.07 0.55
C HIS A 103 5.50 -9.52 0.14
N ARG A 104 6.60 -10.09 0.64
CA ARG A 104 6.90 -11.49 0.37
C ARG A 104 5.83 -12.38 0.98
N ARG A 105 5.26 -13.28 0.17
CA ARG A 105 4.23 -14.18 0.67
C ARG A 105 4.86 -15.27 1.52
N THR A 106 4.15 -15.67 2.58
CA THR A 106 4.59 -16.76 3.43
C THR A 106 3.62 -17.93 3.42
N CYS A 107 2.50 -17.83 2.71
CA CYS A 107 1.44 -18.81 2.87
C CYS A 107 1.86 -20.19 2.40
N PHE A 108 2.78 -20.28 1.43
CA PHE A 108 3.25 -21.59 0.97
C PHE A 108 4.58 -22.00 1.59
N ASN A 109 5.19 -21.15 2.41
CA ASN A 109 6.45 -21.52 3.06
C ASN A 109 6.28 -22.80 3.86
N GLY A 110 7.09 -23.82 3.56
CA GLY A 110 7.04 -25.06 4.29
C GLY A 110 5.89 -25.98 3.94
N LYS A 111 5.12 -25.65 2.92
CA LYS A 111 4.01 -26.51 2.50
C LYS A 111 4.50 -27.60 1.58
N ARG A 112 3.80 -28.73 1.62
CA ARG A 112 4.04 -29.86 0.74
C ARG A 112 2.85 -29.95 -0.19
N LEU A 113 3.10 -29.99 -1.49
CA LEU A 113 2.03 -30.05 -2.48
C LEU A 113 2.28 -31.18 -3.47
N TYR A 114 1.19 -31.69 -4.01
CA TYR A 114 1.24 -32.70 -5.05
C TYR A 114 0.26 -32.31 -6.16
N ILE A 115 0.74 -32.28 -7.39
CA ILE A 115 -0.07 -31.97 -8.56
C ILE A 115 -0.34 -33.28 -9.29
N THR A 116 -1.62 -33.60 -9.47
CA THR A 116 -2.02 -34.88 -10.03
C THR A 116 -1.49 -35.04 -11.46
N LYS A 117 -1.41 -36.29 -11.90
CA LYS A 117 -1.02 -36.59 -13.28
C LYS A 117 -1.90 -35.88 -14.29
N ALA A 118 -3.21 -35.85 -14.04
CA ALA A 118 -4.13 -35.17 -14.96
C ALA A 118 -3.68 -33.73 -15.19
N ILE A 119 -3.35 -33.01 -14.11
CA ILE A 119 -2.92 -31.63 -14.28
C ILE A 119 -1.59 -31.56 -15.02
N ARG A 120 -0.66 -32.45 -14.67
CA ARG A 120 0.67 -32.38 -15.27
C ARG A 120 0.57 -32.60 -16.79
N ASP A 121 -0.27 -33.54 -17.21
CA ASP A 121 -0.44 -33.81 -18.64
C ASP A 121 -1.27 -32.73 -19.33
N SER A 122 -2.33 -32.25 -18.68
CA SER A 122 -3.36 -31.42 -19.29
C SER A 122 -3.04 -29.92 -19.27
N MET A 123 -1.80 -29.53 -18.99
CA MET A 123 -1.41 -28.13 -19.12
C MET A 123 -0.12 -27.97 -19.91
N VAL A 124 0.02 -28.74 -20.98
CA VAL A 124 1.22 -28.69 -21.81
C VAL A 124 1.73 -27.27 -22.02
N GLY A 125 2.95 -26.99 -21.59
CA GLY A 125 3.64 -25.78 -21.95
C GLY A 125 3.92 -24.91 -20.75
N ASP A 126 3.70 -23.61 -20.90
CA ASP A 126 3.99 -22.64 -19.84
C ASP A 126 3.13 -22.84 -18.61
N SER A 127 1.85 -23.16 -18.77
CA SER A 127 0.95 -23.14 -17.62
C SER A 127 1.49 -23.94 -16.44
N ILE A 128 1.81 -25.22 -16.66
CA ILE A 128 2.31 -26.04 -15.56
C ILE A 128 3.72 -25.61 -15.14
N HIS A 129 4.54 -25.13 -16.08
CA HIS A 129 5.86 -24.63 -15.70
C HIS A 129 5.74 -23.49 -14.71
N GLY A 130 4.89 -22.52 -15.03
CA GLY A 130 4.59 -21.44 -14.10
C GLY A 130 4.08 -21.95 -12.77
N LEU A 131 3.24 -22.98 -12.79
CA LEU A 131 2.76 -23.56 -11.53
C LEU A 131 3.92 -24.02 -10.65
N TYR A 132 4.74 -24.92 -11.17
CA TYR A 132 5.88 -25.43 -10.39
C TYR A 132 6.81 -24.29 -9.97
N SER A 133 7.10 -23.37 -10.89
CA SER A 133 8.00 -22.27 -10.59
C SER A 133 7.46 -21.43 -9.43
N ILE A 134 6.19 -21.04 -9.50
CA ILE A 134 5.60 -20.22 -8.45
C ILE A 134 5.65 -20.95 -7.12
N LEU A 135 5.29 -22.24 -7.12
CA LEU A 135 5.22 -22.94 -5.84
C LEU A 135 6.59 -23.03 -5.18
N GLU A 136 7.61 -23.42 -5.96
CA GLU A 136 8.94 -23.61 -5.38
C GLU A 136 9.57 -22.26 -5.02
N THR A 137 9.34 -21.24 -5.83
CA THR A 137 9.80 -19.90 -5.45
C THR A 137 9.12 -19.42 -4.17
N SER A 138 7.88 -19.85 -3.93
CA SER A 138 7.13 -19.47 -2.75
C SER A 138 7.43 -20.35 -1.55
N GLY A 139 8.41 -21.23 -1.66
CA GLY A 139 8.88 -21.94 -0.50
C GLY A 139 8.25 -23.29 -0.28
N ALA A 140 7.52 -23.81 -1.26
CA ALA A 140 6.85 -25.08 -1.14
C ALA A 140 7.72 -26.19 -1.70
N GLU A 141 7.47 -27.40 -1.23
CA GLU A 141 8.09 -28.58 -1.82
C GLU A 141 7.02 -29.42 -2.50
N ILE A 142 7.35 -29.89 -3.69
CA ILE A 142 6.51 -30.79 -4.46
C ILE A 142 6.89 -32.19 -4.03
N VAL A 143 5.92 -32.98 -3.60
CA VAL A 143 6.24 -34.33 -3.13
C VAL A 143 6.51 -35.24 -4.31
N GLY A 144 7.27 -36.29 -4.06
CA GLY A 144 7.84 -37.06 -5.16
C GLY A 144 6.88 -37.99 -5.86
N ASP A 145 5.86 -38.49 -5.16
CA ASP A 145 4.91 -39.40 -5.79
C ASP A 145 3.60 -39.37 -5.02
N ILE A 146 2.56 -39.90 -5.66
CA ILE A 146 1.22 -39.85 -5.10
C ILE A 146 1.16 -40.57 -3.76
N LYS A 147 2.00 -41.59 -3.55
CA LYS A 147 2.00 -42.27 -2.27
C LYS A 147 2.33 -41.32 -1.13
N ARG A 148 3.42 -40.55 -1.28
CA ARG A 148 3.76 -39.56 -0.27
C ARG A 148 2.68 -38.50 -0.12
N ALA A 149 1.95 -38.20 -1.20
CA ALA A 149 0.87 -37.23 -1.15
C ALA A 149 -0.32 -37.69 -0.33
N GLN A 150 -0.45 -39.01 -0.10
CA GLN A 150 -1.58 -39.58 0.62
C GLN A 150 -1.37 -39.43 2.13
N GLU A 151 -1.19 -38.18 2.53
CA GLU A 151 -0.94 -37.83 3.91
C GLU A 151 -1.66 -36.52 4.20
N LYS A 152 -1.93 -36.27 5.47
CA LYS A 152 -2.67 -35.05 5.81
C LYS A 152 -1.79 -33.81 5.76
N ASP A 153 -0.46 -33.96 5.69
CA ASP A 153 0.42 -32.81 5.59
C ASP A 153 0.62 -32.32 4.16
N THR A 154 -0.16 -32.80 3.20
CA THR A 154 0.06 -32.51 1.78
C THR A 154 -1.20 -31.89 1.20
N ILE A 155 -1.00 -30.83 0.42
CA ILE A 155 -2.05 -30.21 -0.37
C ILE A 155 -2.07 -30.86 -1.75
N ILE A 156 -3.16 -31.54 -2.08
CA ILE A 156 -3.29 -32.19 -3.37
C ILE A 156 -4.08 -31.28 -4.30
N LEU A 157 -3.49 -30.93 -5.42
CA LEU A 157 -4.14 -30.15 -6.46
C LEU A 157 -4.56 -31.09 -7.59
N ALA A 158 -5.84 -31.01 -7.97
CA ALA A 158 -6.42 -31.94 -8.93
C ALA A 158 -7.36 -31.18 -9.86
N GLN A 159 -7.79 -31.87 -10.92
CA GLN A 159 -8.88 -31.39 -11.75
C GLN A 159 -10.19 -31.84 -11.11
N PRO A 160 -11.22 -30.98 -11.10
CA PRO A 160 -12.47 -31.38 -10.42
C PRO A 160 -13.13 -32.61 -11.02
N ASP A 161 -13.07 -32.76 -12.34
CA ASP A 161 -13.61 -33.93 -13.02
C ASP A 161 -12.51 -34.52 -13.90
N ASN A 162 -12.62 -35.82 -14.16
CA ASN A 162 -11.71 -36.49 -15.10
C ASN A 162 -10.29 -36.60 -14.54
N ASP A 163 -10.19 -36.83 -13.24
CA ASP A 163 -8.91 -36.90 -12.54
C ASP A 163 -8.95 -38.17 -11.69
N GLN A 164 -8.32 -39.24 -12.18
CA GLN A 164 -8.36 -40.52 -11.48
C GLN A 164 -7.61 -40.45 -10.16
N GLU A 165 -6.42 -39.84 -10.16
CA GLU A 165 -5.68 -39.69 -8.92
C GLU A 165 -6.47 -38.86 -7.90
N GLY A 166 -7.04 -37.74 -8.35
CA GLY A 166 -7.90 -36.94 -7.51
C GLY A 166 -8.98 -37.75 -6.84
N ARG A 167 -9.79 -38.45 -7.64
CA ARG A 167 -10.88 -39.24 -7.07
C ARG A 167 -10.34 -40.34 -6.15
N ASN A 168 -9.23 -40.97 -6.51
CA ASN A 168 -8.67 -42.01 -5.66
C ASN A 168 -8.26 -41.45 -4.30
N MET A 169 -7.74 -40.23 -4.27
CA MET A 169 -7.37 -39.64 -2.99
C MET A 169 -8.62 -39.28 -2.20
N SER A 170 -9.61 -38.66 -2.87
CA SER A 170 -10.89 -38.39 -2.22
C SER A 170 -11.45 -39.65 -1.56
N ALA A 171 -11.29 -40.81 -2.20
CA ALA A 171 -11.82 -42.06 -1.69
C ALA A 171 -11.00 -42.63 -0.55
N THR A 172 -9.94 -41.93 -0.15
CA THR A 172 -9.18 -42.26 1.05
C THR A 172 -9.62 -41.42 2.25
N GLY A 173 -10.46 -40.41 2.04
CA GLY A 173 -10.75 -39.43 3.06
C GLY A 173 -9.94 -38.16 2.91
N LEU A 174 -9.06 -38.09 1.93
CA LEU A 174 -8.22 -36.92 1.73
C LEU A 174 -8.94 -35.88 0.89
N ASN A 175 -8.77 -34.62 1.27
CA ASN A 175 -9.30 -33.50 0.52
C ASN A 175 -8.38 -33.17 -0.65
N VAL A 176 -8.98 -32.83 -1.79
CA VAL A 176 -8.24 -32.40 -2.97
C VAL A 176 -8.78 -31.04 -3.40
N TYR A 177 -7.93 -30.24 -4.05
CA TYR A 177 -8.23 -28.84 -4.31
C TYR A 177 -7.97 -28.47 -5.78
N LYS A 178 -8.72 -27.46 -6.23
CA LYS A 178 -8.57 -26.92 -7.57
C LYS A 178 -7.27 -26.13 -7.70
N ILE A 179 -6.74 -26.13 -8.92
CA ILE A 179 -5.45 -25.47 -9.19
C ILE A 179 -5.49 -23.99 -8.88
N GLU A 180 -6.65 -23.35 -9.03
CA GLU A 180 -6.79 -21.93 -8.72
C GLU A 180 -6.32 -21.58 -7.32
N LEU A 181 -6.36 -22.56 -6.40
CA LEU A 181 -5.84 -22.34 -5.06
C LEU A 181 -4.49 -21.62 -5.10
N VAL A 182 -3.62 -22.02 -6.01
CA VAL A 182 -2.27 -21.44 -6.02
C VAL A 182 -2.34 -19.95 -6.31
N ALA A 183 -3.00 -19.58 -7.42
CA ALA A 183 -2.94 -18.19 -7.84
C ALA A 183 -3.61 -17.28 -6.82
N LEU A 184 -4.85 -17.60 -6.46
CA LEU A 184 -5.59 -16.73 -5.56
C LEU A 184 -4.92 -16.68 -4.20
N SER A 185 -4.39 -17.80 -3.71
CA SER A 185 -3.69 -17.76 -2.44
C SER A 185 -2.52 -16.80 -2.51
N ILE A 186 -1.75 -16.84 -3.60
CA ILE A 186 -0.64 -15.89 -3.71
C ILE A 186 -1.17 -14.47 -3.64
N LEU A 187 -2.25 -14.21 -4.39
CA LEU A 187 -2.76 -12.84 -4.44
C LEU A 187 -3.20 -12.38 -3.06
N ARG A 188 -3.74 -13.30 -2.25
CA ARG A 188 -4.31 -12.93 -0.97
C ARG A 188 -3.34 -13.10 0.20
N ASP A 189 -2.18 -13.71 -0.03
CA ASP A 189 -1.28 -14.17 1.03
C ASP A 189 -2.04 -14.94 2.11
N ARG A 190 -2.89 -15.87 1.65
CA ARG A 190 -3.67 -16.74 2.52
C ARG A 190 -4.28 -17.85 1.68
N ILE A 191 -4.28 -19.06 2.21
CA ILE A 191 -4.89 -20.21 1.55
C ILE A 191 -6.28 -20.38 2.13
N ASP A 192 -7.29 -20.10 1.30
CA ASP A 192 -8.70 -20.27 1.68
C ASP A 192 -9.13 -21.65 1.19
N PHE A 193 -8.73 -22.68 1.94
CA PHE A 193 -8.86 -24.05 1.45
C PHE A 193 -10.29 -24.36 1.00
N ASP A 194 -11.28 -23.97 1.82
CA ASP A 194 -12.65 -24.38 1.53
C ASP A 194 -13.12 -23.85 0.18
N GLU A 195 -12.72 -22.63 -0.18
CA GLU A 195 -13.09 -22.08 -1.47
C GLU A 195 -12.77 -23.03 -2.61
N PHE A 196 -11.68 -23.80 -2.47
CA PHE A 196 -11.13 -24.57 -3.57
C PHE A 196 -11.33 -26.06 -3.40
N LEU A 197 -11.99 -26.48 -2.34
CA LEU A 197 -12.22 -27.91 -2.11
C LEU A 197 -13.08 -28.49 -3.21
N ILE A 198 -12.67 -29.64 -3.71
CA ILE A 198 -13.39 -30.34 -4.77
C ILE A 198 -14.35 -31.33 -4.12
N ASP A 199 -15.64 -31.13 -4.32
CA ASP A 199 -16.63 -32.12 -3.90
C ASP A 199 -17.98 -31.82 -4.54
N THR B 5 -22.16 13.99 21.37
CA THR B 5 -21.29 14.50 20.32
C THR B 5 -19.89 14.80 20.88
N ASN B 6 -18.89 14.23 20.22
CA ASN B 6 -17.51 14.25 20.68
C ASN B 6 -16.67 15.18 19.82
N LEU B 7 -15.79 15.96 20.46
CA LEU B 7 -14.92 16.85 19.70
C LEU B 7 -13.50 16.83 20.25
N VAL B 8 -12.58 17.31 19.42
CA VAL B 8 -11.17 17.51 19.74
C VAL B 8 -10.82 18.93 19.35
N THR B 9 -9.89 19.54 20.08
CA THR B 9 -9.44 20.90 19.80
C THR B 9 -7.97 20.89 19.41
N SER B 10 -7.61 21.80 18.50
CA SER B 10 -6.23 21.97 18.07
C SER B 10 -5.92 23.45 17.87
N SER B 11 -4.73 23.86 18.32
CA SER B 11 -4.32 25.27 18.30
C SER B 11 -5.41 26.19 18.86
N PHE B 12 -6.18 25.68 19.81
CA PHE B 12 -7.23 26.43 20.47
C PHE B 12 -7.32 25.91 21.90
N ASN B 13 -7.24 26.81 22.87
CA ASN B 13 -7.30 26.43 24.27
C ASN B 13 -8.70 26.65 24.81
N LEU B 14 -9.34 25.56 25.24
CA LEU B 14 -10.62 25.65 25.90
C LEU B 14 -10.45 26.36 27.24
N THR B 15 -11.27 27.38 27.46
CA THR B 15 -11.29 28.12 28.70
C THR B 15 -12.22 27.45 29.72
N LYS B 16 -12.17 27.95 30.94
CA LYS B 16 -13.12 27.50 31.96
C LYS B 16 -14.56 27.67 31.50
N PRO B 17 -14.99 28.84 31.03
CA PRO B 17 -16.37 28.95 30.53
C PRO B 17 -16.70 28.03 29.37
N MET B 18 -15.79 27.91 28.40
CA MET B 18 -16.06 27.01 27.28
C MET B 18 -16.22 25.57 27.74
N LYS B 19 -15.32 25.11 28.62
CA LYS B 19 -15.42 23.73 29.10
C LYS B 19 -16.70 23.52 29.91
N SER B 20 -17.05 24.49 30.76
CA SER B 20 -18.32 24.41 31.47
C SER B 20 -19.47 24.25 30.50
N PHE B 21 -19.50 25.12 29.49
CA PHE B 21 -20.54 25.07 28.46
C PHE B 21 -20.60 23.69 27.82
N ILE B 22 -19.45 23.09 27.53
CA ILE B 22 -19.42 21.78 26.91
C ILE B 22 -19.95 20.71 27.88
N ARG B 23 -19.30 20.57 29.04
CA ARG B 23 -19.77 19.66 30.07
C ARG B 23 -21.08 20.12 30.69
N ARG B 24 -22.11 20.33 29.86
CA ARG B 24 -23.38 20.88 30.32
C ARG B 24 -24.40 20.94 29.20
N ASN B 25 -23.92 20.98 27.95
CA ASN B 25 -24.76 21.01 26.77
C ASN B 25 -24.71 19.70 26.00
N GLY B 26 -24.35 18.61 26.67
CA GLY B 26 -24.25 17.31 26.04
C GLY B 26 -23.13 17.18 25.04
N LEU B 27 -21.97 17.78 25.30
CA LEU B 27 -20.76 17.57 24.51
C LEU B 27 -19.63 17.02 25.39
N ARG B 28 -18.61 16.49 24.72
CA ARG B 28 -17.46 15.90 25.38
C ARG B 28 -16.20 16.20 24.59
N VAL B 29 -15.16 16.65 25.29
CA VAL B 29 -13.85 16.93 24.69
C VAL B 29 -12.94 15.72 24.88
N GLN B 30 -12.23 15.34 23.83
CA GLN B 30 -11.22 14.30 23.91
C GLN B 30 -9.83 14.88 23.70
N GLU B 31 -8.84 14.23 24.31
CA GLU B 31 -7.45 14.67 24.17
C GLU B 31 -6.88 14.36 22.79
N SER B 32 -7.38 13.31 22.15
CA SER B 32 -6.87 12.85 20.86
C SER B 32 -8.06 12.42 20.01
N VAL B 33 -7.83 12.34 18.70
CA VAL B 33 -8.88 11.87 17.81
C VAL B 33 -9.14 10.40 18.08
N THR B 34 -10.42 10.02 18.06
CA THR B 34 -10.83 8.63 18.22
C THR B 34 -11.90 8.34 17.19
N ASP B 35 -12.32 7.06 17.11
CA ASP B 35 -13.27 6.66 16.08
C ASP B 35 -14.64 7.29 16.22
N GLU B 36 -14.97 7.84 17.39
CA GLU B 36 -16.24 8.55 17.56
C GLU B 36 -16.09 10.07 17.50
N THR B 37 -14.91 10.60 17.28
CA THR B 37 -14.77 12.05 17.17
C THR B 37 -15.69 12.56 16.07
N ASP B 38 -16.55 13.51 16.42
CA ASP B 38 -17.54 14.04 15.49
C ASP B 38 -17.03 15.23 14.72
N PHE B 39 -16.16 16.04 15.31
CA PHE B 39 -15.51 17.12 14.57
C PHE B 39 -14.33 17.63 15.39
N VAL B 40 -13.44 18.35 14.71
CA VAL B 40 -12.26 18.95 15.33
C VAL B 40 -12.40 20.46 15.24
N ILE B 41 -12.24 21.13 16.36
CA ILE B 41 -12.28 22.59 16.40
C ILE B 41 -10.85 23.09 16.26
N LEU B 42 -10.61 23.92 15.25
CA LEU B 42 -9.32 24.52 15.02
C LEU B 42 -9.33 25.97 15.48
N GLY B 43 -8.20 26.46 15.96
CA GLY B 43 -8.11 27.88 16.23
C GLY B 43 -8.46 28.69 14.99
N SER B 44 -9.00 29.88 15.22
CA SER B 44 -9.48 30.69 14.12
C SER B 44 -8.35 30.90 13.12
N PRO B 45 -8.67 31.03 11.83
CA PRO B 45 -7.62 31.31 10.83
C PRO B 45 -6.69 32.41 11.32
N PRO B 46 -5.41 32.38 10.93
CA PRO B 46 -4.80 31.44 9.98
C PRO B 46 -4.65 30.00 10.49
N LEU B 47 -4.80 29.06 9.56
CA LEU B 47 -4.72 27.63 9.86
C LEU B 47 -3.31 27.20 10.24
N ARG B 48 -3.23 26.38 11.30
CA ARG B 48 -1.99 25.70 11.69
C ARG B 48 -2.10 24.21 11.36
N ARG B 49 -1.08 23.68 10.69
CA ARG B 49 -1.06 22.31 10.15
C ARG B 49 -0.61 21.29 11.19
N THR B 50 -1.43 21.13 12.21
CA THR B 50 -1.08 20.28 13.34
C THR B 50 -1.33 18.79 13.04
N HIS B 51 -0.84 17.97 13.97
CA HIS B 51 -1.15 16.54 13.95
C HIS B 51 -2.65 16.31 13.85
N LYS B 52 -3.42 16.96 14.71
CA LYS B 52 -4.87 16.76 14.73
C LYS B 52 -5.53 17.26 13.45
N PHE B 53 -5.13 18.42 12.93
CA PHE B 53 -5.70 18.89 11.67
C PHE B 53 -5.50 17.85 10.57
N LEU B 54 -4.29 17.31 10.46
CA LEU B 54 -3.99 16.32 9.43
C LEU B 54 -4.71 14.99 9.69
N LEU B 55 -4.83 14.59 10.95
CA LEU B 55 -5.63 13.41 11.26
C LEU B 55 -7.07 13.59 10.81
N ALA B 56 -7.68 14.70 11.20
CA ALA B 56 -9.05 14.98 10.79
C ALA B 56 -9.20 14.95 9.28
N THR B 57 -8.23 15.52 8.56
CA THR B 57 -8.31 15.49 7.11
C THR B 57 -8.20 14.06 6.57
N SER B 58 -7.26 13.29 7.10
CA SER B 58 -7.09 11.90 6.64
C SER B 58 -8.34 11.08 6.92
N LEU B 59 -9.00 11.34 8.03
CA LEU B 59 -10.14 10.57 8.48
C LEU B 59 -11.47 11.10 7.98
N GLY B 60 -11.45 12.23 7.27
CA GLY B 60 -12.69 12.81 6.79
C GLY B 60 -13.55 13.38 7.88
N ILE B 61 -12.95 13.94 8.92
CA ILE B 61 -13.68 14.48 10.05
C ILE B 61 -13.87 15.97 9.82
N PRO B 62 -15.09 16.49 9.92
CA PRO B 62 -15.27 17.92 9.61
C PRO B 62 -14.50 18.81 10.60
N LEU B 63 -13.99 19.90 10.07
CA LEU B 63 -13.27 20.90 10.84
C LEU B 63 -14.19 22.07 11.09
N VAL B 64 -14.13 22.61 12.31
CA VAL B 64 -15.07 23.63 12.77
C VAL B 64 -14.27 24.78 13.33
N SER B 65 -14.70 25.99 13.03
CA SER B 65 -14.00 27.18 13.49
C SER B 65 -14.09 27.34 14.99
N SER B 66 -12.99 27.81 15.58
CA SER B 66 -13.02 28.23 16.98
C SER B 66 -14.20 29.15 17.22
N GLN B 67 -14.51 30.00 16.25
CA GLN B 67 -15.62 30.93 16.41
C GLN B 67 -16.89 30.19 16.83
N TYR B 68 -17.06 28.97 16.31
CA TYR B 68 -18.22 28.16 16.66
C TYR B 68 -18.47 28.27 18.16
N LEU B 69 -17.48 27.86 18.96
CA LEU B 69 -17.69 27.80 20.39
C LEU B 69 -18.00 29.19 20.95
N THR B 70 -17.23 30.21 20.53
CA THR B 70 -17.53 31.54 21.03
C THR B 70 -18.95 31.91 20.67
N ASP B 71 -19.31 31.72 19.39
CA ASP B 71 -20.67 32.05 18.97
C ASP B 71 -21.67 31.20 19.74
N CYS B 72 -21.34 29.93 19.97
CA CYS B 72 -22.23 29.07 20.72
C CYS B 72 -22.55 29.70 22.08
N ILE B 73 -21.53 30.18 22.78
CA ILE B 73 -21.75 30.77 24.10
C ILE B 73 -22.71 31.94 23.99
N LYS B 74 -22.57 32.75 22.94
CA LYS B 74 -23.40 33.94 22.83
C LYS B 74 -24.88 33.57 22.65
N SER B 75 -25.15 32.38 22.10
CA SER B 75 -26.51 31.92 21.86
C SER B 75 -27.03 30.96 22.92
N GLY B 76 -26.17 30.55 23.88
CA GLY B 76 -26.55 29.77 25.03
C GLY B 76 -26.70 28.27 24.86
N LYS B 77 -26.83 27.77 23.62
CA LYS B 77 -27.06 26.33 23.41
C LYS B 77 -26.24 25.88 22.21
N VAL B 78 -26.30 24.58 21.92
CA VAL B 78 -25.55 23.97 20.83
C VAL B 78 -26.09 24.45 19.49
N LEU B 79 -25.33 25.34 18.83
CA LEU B 79 -25.62 25.71 17.46
C LEU B 79 -25.24 24.56 16.52
N ASP B 80 -25.67 24.68 15.27
CA ASP B 80 -25.30 23.67 14.27
C ASP B 80 -23.84 23.83 13.89
N PHE B 81 -23.05 22.77 14.07
CA PHE B 81 -21.66 22.79 13.64
C PHE B 81 -21.55 23.12 12.15
N ARG B 82 -22.57 22.78 11.38
CA ARG B 82 -22.51 22.94 9.93
C ARG B 82 -22.38 24.41 9.55
N SER B 83 -23.01 25.30 10.32
CA SER B 83 -22.91 26.73 10.02
C SER B 83 -21.50 27.27 10.19
N TYR B 84 -20.62 26.57 10.91
CA TYR B 84 -19.32 27.14 11.27
C TYR B 84 -18.15 26.31 10.75
N LYS B 85 -18.36 25.53 9.69
CA LYS B 85 -17.29 24.83 9.02
C LYS B 85 -16.12 25.78 8.77
N TYR B 86 -14.91 25.26 9.02
CA TYR B 86 -13.70 26.05 8.91
C TYR B 86 -13.47 26.50 7.46
N LYS B 87 -13.01 27.75 7.31
CA LYS B 87 -12.63 28.29 6.01
C LYS B 87 -11.31 29.03 6.15
N ASP B 88 -10.43 28.90 5.16
CA ASP B 88 -9.14 29.61 5.16
C ASP B 88 -8.53 29.61 3.75
N GLU B 89 -8.96 30.55 2.91
CA GLU B 89 -8.53 30.55 1.51
C GLU B 89 -7.03 30.79 1.37
N GLU B 90 -6.41 31.55 2.28
CA GLU B 90 -4.98 31.77 2.17
C GLU B 90 -4.19 30.48 2.38
N ALA B 91 -4.57 29.68 3.39
CA ALA B 91 -3.92 28.39 3.58
C ALA B 91 -4.15 27.47 2.39
N GLU B 92 -5.39 27.45 1.88
CA GLU B 92 -5.69 26.62 0.72
C GLU B 92 -4.75 26.98 -0.43
N ALA B 93 -4.55 28.27 -0.66
CA ALA B 93 -3.67 28.68 -1.76
C ALA B 93 -2.22 28.37 -1.47
N LYS B 94 -1.79 28.53 -0.21
CA LYS B 94 -0.37 28.31 0.10
C LYS B 94 -0.01 26.83 -0.03
N TRP B 95 -0.85 25.94 0.47
CA TRP B 95 -0.58 24.51 0.40
C TRP B 95 -1.27 23.80 -0.76
N GLY B 96 -2.12 24.50 -1.50
CA GLY B 96 -2.75 23.91 -2.66
C GLY B 96 -3.69 22.76 -2.36
N PHE B 97 -4.75 23.03 -1.62
CA PHE B 97 -5.76 22.03 -1.32
C PHE B 97 -7.08 22.74 -1.10
N ARG B 98 -8.14 21.95 -0.95
CA ARG B 98 -9.47 22.48 -0.67
C ARG B 98 -9.93 21.94 0.68
N LEU B 99 -10.34 22.84 1.57
CA LEU B 99 -10.90 22.41 2.84
C LEU B 99 -12.25 21.73 2.64
N ASP B 100 -12.94 22.04 1.55
CA ASP B 100 -14.20 21.39 1.23
C ASP B 100 -14.01 19.94 0.79
N ASP B 101 -12.77 19.52 0.54
CA ASP B 101 -12.44 18.14 0.16
C ASP B 101 -12.41 17.28 1.43
N ILE B 102 -13.61 16.96 1.92
CA ILE B 102 -13.77 16.23 3.17
C ILE B 102 -14.09 14.78 2.82
N HIS B 103 -13.10 13.92 2.98
CA HIS B 103 -13.26 12.49 2.73
C HIS B 103 -12.06 11.76 3.28
N ARG B 104 -12.26 10.50 3.64
CA ARG B 104 -11.16 9.66 4.10
C ARG B 104 -10.16 9.47 2.97
N ARG B 105 -8.90 9.76 3.26
CA ARG B 105 -7.83 9.65 2.28
C ARG B 105 -7.50 8.19 2.01
N THR B 106 -7.10 7.92 0.77
CA THR B 106 -6.69 6.57 0.38
C THR B 106 -5.24 6.48 -0.10
N CYS B 107 -4.53 7.60 -0.23
CA CYS B 107 -3.27 7.59 -0.95
C CYS B 107 -2.18 6.78 -0.23
N PHE B 108 -2.26 6.67 1.08
CA PHE B 108 -1.27 5.90 1.84
C PHE B 108 -1.75 4.48 2.17
N ASN B 109 -2.94 4.08 1.74
CA ASN B 109 -3.42 2.74 2.03
C ASN B 109 -2.43 1.69 1.54
N GLY B 110 -1.94 0.86 2.44
CA GLY B 110 -1.05 -0.22 2.06
C GLY B 110 0.37 0.19 1.76
N LYS B 111 0.75 1.44 2.00
CA LYS B 111 2.11 1.84 1.73
C LYS B 111 3.02 1.44 2.88
N ARG B 112 4.31 1.27 2.56
CA ARG B 112 5.36 1.02 3.54
C ARG B 112 6.32 2.20 3.54
N LEU B 113 6.64 2.72 4.72
CA LEU B 113 7.53 3.88 4.81
C LEU B 113 8.63 3.64 5.84
N TYR B 114 9.75 4.35 5.63
CA TYR B 114 10.86 4.39 6.57
C TYR B 114 11.26 5.85 6.78
N ILE B 115 11.36 6.27 8.03
CA ILE B 115 11.80 7.61 8.40
C ILE B 115 13.24 7.53 8.89
N THR B 116 14.12 8.31 8.29
CA THR B 116 15.53 8.18 8.61
C THR B 116 15.78 8.47 10.09
N LYS B 117 16.87 7.89 10.61
CA LYS B 117 17.27 8.17 11.97
C LYS B 117 17.51 9.65 12.18
N ALA B 118 17.97 10.36 11.14
CA ALA B 118 18.14 11.80 11.27
C ALA B 118 16.86 12.46 11.75
N ILE B 119 15.73 12.13 11.13
CA ILE B 119 14.47 12.76 11.51
C ILE B 119 14.06 12.34 12.92
N ARG B 120 14.22 11.05 13.25
CA ARG B 120 13.83 10.56 14.57
C ARG B 120 14.67 11.17 15.68
N ASP B 121 15.99 11.27 15.47
CA ASP B 121 16.89 11.88 16.44
C ASP B 121 16.65 13.37 16.53
N SER B 122 16.26 14.00 15.42
CA SER B 122 16.13 15.44 15.36
C SER B 122 14.78 15.91 15.89
N MET B 123 13.84 15.00 16.05
CA MET B 123 12.53 15.30 16.61
C MET B 123 12.44 14.60 17.96
N VAL B 124 12.30 13.28 17.95
CA VAL B 124 12.24 12.43 19.14
C VAL B 124 11.42 13.07 20.24
N GLY B 125 10.35 13.78 19.88
CA GLY B 125 9.38 14.27 20.84
C GLY B 125 7.99 13.84 20.47
N ASP B 126 7.03 14.73 20.69
CA ASP B 126 5.68 14.44 20.23
C ASP B 126 5.62 14.42 18.71
N SER B 127 6.34 15.34 18.07
CA SER B 127 6.22 15.53 16.63
C SER B 127 6.37 14.22 15.88
N ILE B 128 7.40 13.44 16.23
CA ILE B 128 7.65 12.22 15.48
C ILE B 128 6.46 11.28 15.61
N HIS B 129 5.89 11.18 16.81
CA HIS B 129 4.72 10.36 17.00
C HIS B 129 3.59 10.83 16.11
N GLY B 130 3.34 12.13 16.07
CA GLY B 130 2.33 12.64 15.16
C GLY B 130 2.58 12.16 13.75
N LEU B 131 3.84 12.22 13.31
CA LEU B 131 4.17 11.76 11.98
C LEU B 131 3.76 10.30 11.83
N TYR B 132 4.24 9.44 12.74
CA TYR B 132 3.87 8.03 12.64
C TYR B 132 2.36 7.89 12.67
N SER B 133 1.70 8.63 13.57
CA SER B 133 0.27 8.50 13.71
C SER B 133 -0.41 8.77 12.38
N ILE B 134 -0.05 9.89 11.74
CA ILE B 134 -0.72 10.24 10.50
C ILE B 134 -0.54 9.13 9.49
N LEU B 135 0.67 8.58 9.39
CA LEU B 135 0.92 7.53 8.42
C LEU B 135 0.12 6.27 8.76
N GLU B 136 0.15 5.85 10.03
CA GLU B 136 -0.50 4.59 10.36
C GLU B 136 -2.02 4.74 10.32
N THR B 137 -2.53 5.89 10.73
CA THR B 137 -3.96 6.15 10.62
C THR B 137 -4.41 6.13 9.16
N SER B 138 -3.55 6.54 8.24
CA SER B 138 -3.85 6.57 6.82
C SER B 138 -3.58 5.25 6.13
N GLY B 139 -3.28 4.20 6.90
CA GLY B 139 -3.20 2.86 6.38
C GLY B 139 -1.83 2.34 6.03
N ALA B 140 -0.77 3.06 6.36
CA ALA B 140 0.59 2.67 6.05
C ALA B 140 1.23 1.93 7.22
N GLU B 141 2.27 1.16 6.91
CA GLU B 141 3.13 0.53 7.92
C GLU B 141 4.50 1.18 7.88
N ILE B 142 5.07 1.41 9.06
CA ILE B 142 6.41 1.98 9.22
C ILE B 142 7.43 0.87 9.44
N VAL B 143 8.48 0.84 8.62
CA VAL B 143 9.59 -0.07 8.90
C VAL B 143 10.58 0.62 9.83
N GLY B 144 11.19 -0.17 10.71
CA GLY B 144 12.05 0.35 11.75
C GLY B 144 13.53 0.43 11.40
N ASP B 145 14.00 -0.49 10.57
CA ASP B 145 15.41 -0.60 10.28
C ASP B 145 15.69 -0.35 8.80
N ILE B 146 16.89 0.18 8.54
CA ILE B 146 17.27 0.56 7.19
C ILE B 146 17.44 -0.67 6.31
N LYS B 147 17.86 -1.80 6.90
CA LYS B 147 17.98 -3.04 6.13
C LYS B 147 16.65 -3.47 5.56
N ARG B 148 15.63 -3.56 6.42
CA ARG B 148 14.29 -3.89 5.93
C ARG B 148 13.79 -2.85 4.95
N ALA B 149 14.16 -1.58 5.15
CA ALA B 149 13.70 -0.54 4.23
C ALA B 149 14.33 -0.69 2.85
N GLN B 150 15.52 -1.29 2.79
CA GLN B 150 16.20 -1.53 1.52
C GLN B 150 15.75 -2.83 0.87
N GLU B 151 15.48 -3.85 1.67
CA GLU B 151 15.01 -5.12 1.11
C GLU B 151 13.58 -5.00 0.59
N LYS B 152 12.68 -4.48 1.40
CA LYS B 152 11.27 -4.35 1.07
C LYS B 152 11.00 -3.10 0.22
N ASP B 153 9.77 -3.01 -0.28
CA ASP B 153 9.33 -1.88 -1.11
C ASP B 153 8.92 -0.73 -0.20
N THR B 154 9.80 0.25 -0.02
CA THR B 154 9.63 1.27 0.99
C THR B 154 9.81 2.70 0.46
N ILE B 155 8.97 3.60 0.94
CA ILE B 155 9.15 5.04 0.75
C ILE B 155 10.03 5.57 1.88
N ILE B 156 11.19 6.10 1.52
CA ILE B 156 12.16 6.60 2.49
C ILE B 156 11.98 8.10 2.62
N LEU B 157 11.71 8.57 3.83
CA LEU B 157 11.57 10.00 4.12
C LEU B 157 12.85 10.47 4.80
N ALA B 158 13.42 11.57 4.30
CA ALA B 158 14.70 12.03 4.80
C ALA B 158 14.69 13.56 4.90
N GLN B 159 15.70 14.08 5.59
CA GLN B 159 16.01 15.50 5.66
C GLN B 159 16.90 15.93 4.50
N PRO B 160 16.65 17.12 3.93
CA PRO B 160 17.55 17.59 2.88
C PRO B 160 18.96 17.82 3.39
N ASP B 161 19.10 18.28 4.64
CA ASP B 161 20.39 18.49 5.27
C ASP B 161 20.45 17.75 6.60
N ASN B 162 21.67 17.37 6.99
CA ASN B 162 21.93 16.75 8.29
C ASN B 162 21.35 15.34 8.38
N ASP B 163 21.40 14.61 7.26
CA ASP B 163 20.83 13.26 7.17
C ASP B 163 21.81 12.33 6.49
N GLN B 164 22.52 11.52 7.29
CA GLN B 164 23.53 10.62 6.72
C GLN B 164 22.89 9.50 5.92
N GLU B 165 21.88 8.85 6.50
CA GLU B 165 21.21 7.76 5.80
C GLU B 165 20.52 8.25 4.54
N GLY B 166 19.83 9.38 4.64
CA GLY B 166 19.22 10.00 3.48
C GLY B 166 20.19 10.19 2.33
N ARG B 167 21.30 10.88 2.62
CA ARG B 167 22.28 11.18 1.59
C ARG B 167 22.88 9.89 1.02
N ASN B 168 23.19 8.92 1.87
CA ASN B 168 23.75 7.67 1.38
C ASN B 168 22.76 6.94 0.48
N MET B 169 21.48 7.01 0.80
CA MET B 169 20.46 6.33 0.00
C MET B 169 20.26 7.00 -1.35
N SER B 170 20.22 8.34 -1.38
CA SER B 170 20.08 9.04 -2.65
C SER B 170 21.11 8.54 -3.66
N ALA B 171 22.37 8.40 -3.23
CA ALA B 171 23.45 7.94 -4.09
C ALA B 171 23.53 6.41 -4.20
N THR B 172 22.60 5.68 -3.58
CA THR B 172 22.56 4.23 -3.69
C THR B 172 21.68 3.74 -4.82
N GLY B 173 20.97 4.65 -5.50
CA GLY B 173 19.97 4.30 -6.48
C GLY B 173 18.56 4.29 -5.94
N LEU B 174 18.39 4.43 -4.63
CA LEU B 174 17.08 4.56 -4.02
C LEU B 174 16.72 6.04 -3.94
N ASN B 175 15.48 6.37 -4.29
CA ASN B 175 15.00 7.74 -4.13
C ASN B 175 14.55 7.97 -2.69
N VAL B 176 14.81 9.16 -2.18
CA VAL B 176 14.36 9.58 -0.86
C VAL B 176 13.60 10.88 -1.03
N TYR B 177 12.69 11.16 -0.09
CA TYR B 177 11.73 12.24 -0.25
C TYR B 177 11.71 13.10 1.01
N LYS B 178 11.37 14.38 0.82
CA LYS B 178 11.26 15.30 1.94
C LYS B 178 10.04 14.97 2.79
N ILE B 179 10.17 15.21 4.10
CA ILE B 179 9.14 14.82 5.05
C ILE B 179 7.83 15.52 4.72
N GLU B 180 7.89 16.73 4.14
CA GLU B 180 6.67 17.44 3.80
C GLU B 180 5.73 16.59 2.95
N LEU B 181 6.28 15.60 2.22
CA LEU B 181 5.47 14.69 1.42
C LEU B 181 4.24 14.23 2.16
N VAL B 182 4.39 13.86 3.44
CA VAL B 182 3.25 13.28 4.14
C VAL B 182 2.13 14.32 4.25
N ALA B 183 2.45 15.49 4.80
CA ALA B 183 1.39 16.43 5.12
C ALA B 183 0.66 16.86 3.86
N LEU B 184 1.40 17.32 2.86
CA LEU B 184 0.77 17.80 1.64
C LEU B 184 0.03 16.67 0.94
N SER B 185 0.60 15.45 0.93
CA SER B 185 -0.13 14.37 0.28
C SER B 185 -1.48 14.16 0.95
N ILE B 186 -1.48 14.18 2.29
CA ILE B 186 -2.73 14.02 3.01
C ILE B 186 -3.70 15.13 2.60
N LEU B 187 -3.21 16.36 2.52
CA LEU B 187 -4.08 17.47 2.16
C LEU B 187 -4.66 17.25 0.77
N ARG B 188 -3.87 16.69 -0.14
CA ARG B 188 -4.30 16.54 -1.53
C ARG B 188 -4.92 15.20 -1.83
N ASP B 189 -4.84 14.26 -0.91
CA ASP B 189 -5.20 12.87 -1.18
C ASP B 189 -4.53 12.38 -2.47
N ARG B 190 -3.25 12.69 -2.61
CA ARG B 190 -2.48 12.19 -3.74
C ARG B 190 -1.02 12.44 -3.41
N ILE B 191 -0.16 11.48 -3.75
CA ILE B 191 1.27 11.61 -3.49
C ILE B 191 1.93 12.12 -4.77
N ASP B 192 2.41 13.36 -4.74
CA ASP B 192 3.15 13.95 -5.86
C ASP B 192 4.63 13.73 -5.62
N PHE B 193 5.07 12.49 -5.87
CA PHE B 193 6.43 12.09 -5.52
C PHE B 193 7.46 13.06 -6.09
N ASP B 194 7.28 13.47 -7.35
CA ASP B 194 8.28 14.30 -8.01
C ASP B 194 8.51 15.59 -7.23
N GLU B 195 7.42 16.20 -6.76
CA GLU B 195 7.51 17.43 -5.98
C GLU B 195 8.45 17.29 -4.79
N PHE B 196 8.55 16.10 -4.22
CA PHE B 196 9.24 15.91 -2.95
C PHE B 196 10.53 15.12 -3.07
N LEU B 197 10.92 14.74 -4.28
CA LEU B 197 12.17 14.02 -4.48
C LEU B 197 13.36 14.88 -4.08
N ILE B 198 14.30 14.27 -3.37
CA ILE B 198 15.51 14.96 -2.94
C ILE B 198 16.60 14.73 -3.97
N ASP B 199 17.01 15.79 -4.65
CA ASP B 199 18.14 15.77 -5.56
C ASP B 199 19.44 16.09 -4.80
N LYS C 6 4.40 -16.18 -29.07
CA LYS C 6 3.40 -16.86 -28.27
C LYS C 6 3.14 -16.11 -26.97
N PRO C 7 1.91 -16.20 -26.44
CA PRO C 7 1.50 -15.34 -25.32
C PRO C 7 1.65 -15.97 -23.95
N GLN C 9 1.11 -17.42 -20.64
CA GLN C 9 -0.09 -18.09 -20.17
C GLN C 9 -0.52 -17.56 -18.80
N GLU C 10 -1.82 -17.59 -18.55
CA GLU C 10 -2.39 -17.16 -17.28
C GLU C 10 -2.63 -18.38 -16.40
N LEU C 11 -2.39 -18.22 -15.10
CA LEU C 11 -2.76 -19.24 -14.13
C LEU C 11 -3.69 -18.59 -13.09
N PRO D 7 3.16 22.34 23.42
CA PRO D 7 2.20 22.76 22.39
C PRO D 7 2.12 21.83 21.19
N GLN D 9 2.98 21.18 17.57
CA GLN D 9 3.87 21.50 16.47
C GLN D 9 3.11 21.49 15.15
N GLU D 10 3.56 22.31 14.20
CA GLU D 10 2.92 22.42 12.90
C GLU D 10 3.67 21.50 11.94
N LEU D 11 3.18 20.27 11.84
CA LEU D 11 3.80 19.26 10.99
C LEU D 11 3.69 19.66 9.51
#